data_4BKX
#
_entry.id   4BKX
#
_cell.length_a   108.199
_cell.length_b   108.199
_cell.length_c   133.164
_cell.angle_alpha   90.00
_cell.angle_beta   90.00
_cell.angle_gamma   120.00
#
_symmetry.space_group_name_H-M   'P 32 2 1'
#
loop_
_entity.id
_entity.type
_entity.pdbx_description
1 polymer 'METASTASIS-ASSOCIATED PROTEIN MTA1'
2 polymer 'HISTONE DEACETYLASE 1'
3 non-polymer 'ZINC ION'
4 non-polymer 'ACETATE ION'
5 non-polymer 'POTASSIUM ION'
6 non-polymer 'SULFATE ION'
#
loop_
_entity_poly.entity_id
_entity_poly.type
_entity_poly.pdbx_seq_one_letter_code
_entity_poly.pdbx_strand_id
1 'polypeptide(L)'
;GAADKGEIRVGNRYQADITDLLKEGEEDGRDQSRLETQVWEAHNPLTDKQIDQFLVVARSVGTFARALDCSSSVRQPSLH
MSAAAASRDITLFHAMDTLHKNIYDISKAISALVPQGGPVLCRDEMEEWSASEANLFEEALEKYGKDFTDIQQDFLPWKS
LTSIIEYYYMWKTTDR
;
A
2 'polypeptide(L)'
;MAQTQGTRRKVCYYYDGDVGNYYYGQGHPMKPHRIRMTHNLLLNYGLYRKMEIYRPHKANAEEMTKYHSDDYIKFLRSIR
PDNMSEYSKQMQRFNVGEDCPVFDGLFEFCQLSTGGSVASAVKLNKQQTDIAVNWAGGLHHAKKSEASGFCYVNDIVLAI
LELLKYHQRVLYIDIDIHHGDGVEEAFYTTDRVMTVSFHKYGEYFPGTGDLRDIGAGKGKYYAVNYPLRDGIDDESYEAI
FKPVMSKVMEMFQPSAVVLQCGSDSLSGDRLGCFNLTIKGHAKCVEFVKSFNLPMLMLGGGGYTIRNVARCWTYETAVAL
DTEIPNELPYNDYFEYFGPDFKLHISPSNMTNQNTNEYLEKIKQRLFENLRMLPHAPGVQMQAIPEDAIPEESGDEDEDD
PDKRISICSSDKRIACEEEFSDSEEEGEGGRKNSSNFKKAKRVKTEDEKEKDPEEKKEVTEEEKTKEEKPEAKGVKEEVK
LA
;
B
#
# COMPACT_ATOMS: atom_id res chain seq x y z
N GLY A 6 -9.34 17.42 17.03
CA GLY A 6 -7.90 17.79 16.88
C GLY A 6 -7.14 17.72 18.19
N GLU A 7 -7.01 16.51 18.72
CA GLU A 7 -6.33 16.28 20.00
C GLU A 7 -5.74 14.87 20.08
N ILE A 8 -4.54 14.77 20.67
CA ILE A 8 -3.89 13.48 20.91
C ILE A 8 -4.03 13.07 22.38
N ARG A 9 -4.47 11.84 22.61
CA ARG A 9 -4.84 11.38 23.96
C ARG A 9 -3.80 10.44 24.58
N VAL A 10 -3.73 10.45 25.92
CA VAL A 10 -2.83 9.58 26.70
C VAL A 10 -3.66 8.63 27.56
N GLY A 11 -3.15 7.42 27.78
CA GLY A 11 -3.82 6.44 28.64
C GLY A 11 -3.75 5.02 28.14
N ASN A 12 -4.24 4.08 28.95
CA ASN A 12 -4.25 2.65 28.62
C ASN A 12 -5.18 2.32 27.46
N ARG A 13 -6.14 3.22 27.23
CA ARG A 13 -7.12 3.08 26.15
C ARG A 13 -6.66 3.77 24.87
N TYR A 14 -5.41 4.22 24.83
CA TYR A 14 -4.86 4.92 23.67
C TYR A 14 -3.50 4.41 23.20
N GLN A 15 -2.60 4.19 24.15
CA GLN A 15 -1.26 3.67 23.83
C GLN A 15 -1.24 2.15 23.72
N ALA A 16 -0.30 1.64 22.94
CA ALA A 16 -0.12 0.20 22.75
C ALA A 16 0.80 -0.36 23.83
N ASP A 17 0.52 -1.58 24.27
CA ASP A 17 1.43 -2.29 25.14
C ASP A 17 2.66 -2.66 24.32
N ILE A 18 3.81 -2.12 24.69
CA ILE A 18 5.05 -2.34 23.95
C ILE A 18 5.54 -3.79 24.13
N THR A 19 5.72 -4.47 23.01
CA THR A 19 6.21 -5.85 23.01
C THR A 19 7.67 -5.86 23.46
N ASP A 20 7.97 -6.66 24.49
CA ASP A 20 9.31 -6.73 25.04
C ASP A 20 10.26 -7.42 24.08
N LEU A 21 11.53 -7.01 24.10
CA LEU A 21 12.56 -7.60 23.26
C LEU A 21 12.85 -9.03 23.71
N LEU A 22 12.89 -9.96 22.75
CA LEU A 22 13.14 -11.37 23.04
C LEU A 22 14.57 -11.60 23.50
N LYS A 23 14.73 -12.48 24.49
CA LYS A 23 16.04 -12.89 24.96
C LYS A 23 16.77 -13.69 23.89
N GLU A 24 18.10 -13.71 23.95
CA GLU A 24 18.93 -14.44 22.98
C GLU A 24 18.62 -15.94 22.96
N GLY A 25 17.96 -16.43 24.01
CA GLY A 25 17.53 -17.82 24.11
C GLY A 25 16.06 -18.05 23.81
N GLU A 26 15.28 -16.97 23.76
CA GLU A 26 13.85 -17.04 23.45
C GLU A 26 13.58 -16.88 21.95
N GLU A 27 12.58 -17.60 21.45
CA GLU A 27 12.20 -17.56 20.03
C GLU A 27 10.80 -16.96 19.84
N ASP A 28 10.62 -16.23 18.73
CA ASP A 28 9.37 -15.49 18.45
C ASP A 28 8.13 -16.36 18.29
N GLY A 29 8.31 -17.61 17.87
CA GLY A 29 7.22 -18.57 17.71
C GLY A 29 6.16 -18.12 16.71
N ARG A 30 6.58 -17.91 15.46
CA ARG A 30 5.66 -17.54 14.38
C ARG A 30 5.76 -18.51 13.22
N ASP A 31 4.61 -19.03 12.79
CA ASP A 31 4.54 -19.93 11.65
C ASP A 31 4.45 -19.13 10.36
N GLN A 32 5.49 -19.22 9.54
CA GLN A 32 5.57 -18.41 8.31
C GLN A 32 4.60 -18.82 7.21
N SER A 33 4.29 -20.12 7.16
CA SER A 33 3.33 -20.65 6.19
C SER A 33 1.94 -20.06 6.39
N ARG A 34 1.55 -19.88 7.65
CA ARG A 34 0.25 -19.31 7.99
C ARG A 34 0.19 -17.79 7.75
N LEU A 35 1.31 -17.23 7.30
CA LEU A 35 1.43 -15.79 7.03
C LEU A 35 1.59 -15.47 5.55
N GLU A 36 2.25 -16.36 4.81
CA GLU A 36 2.62 -16.10 3.42
C GLU A 36 2.75 -17.39 2.62
N THR A 37 2.57 -17.28 1.29
CA THR A 37 3.00 -18.32 0.36
C THR A 37 3.68 -17.64 -0.82
N GLN A 38 4.85 -18.17 -1.23
CA GLN A 38 5.65 -17.57 -2.29
C GLN A 38 5.04 -17.81 -3.67
N VAL A 39 5.12 -16.78 -4.51
CA VAL A 39 4.52 -16.81 -5.84
C VAL A 39 5.58 -16.69 -6.93
N TRP A 40 6.70 -16.08 -6.59
CA TRP A 40 7.83 -15.92 -7.52
C TRP A 40 9.14 -15.72 -6.78
N GLU A 41 10.13 -16.53 -7.14
CA GLU A 41 11.49 -16.36 -6.64
C GLU A 41 12.25 -15.46 -7.60
N ALA A 42 12.98 -14.50 -7.04
CA ALA A 42 13.72 -13.53 -7.84
C ALA A 42 15.04 -14.11 -8.36
N HIS A 43 15.55 -15.13 -7.68
CA HIS A 43 16.83 -15.75 -8.06
C HIS A 43 16.60 -17.08 -8.76
N ASN A 44 16.44 -17.01 -10.08
CA ASN A 44 16.11 -18.17 -10.91
C ASN A 44 17.30 -18.68 -11.71
N PRO A 45 17.26 -19.97 -12.10
CA PRO A 45 18.24 -20.47 -13.08
C PRO A 45 18.00 -19.90 -14.49
N LEU A 46 16.96 -19.09 -14.63
CA LEU A 46 16.55 -18.56 -15.92
C LEU A 46 17.07 -17.15 -16.17
N THR A 47 17.16 -16.79 -17.45
CA THR A 47 17.55 -15.44 -17.85
C THR A 47 16.34 -14.63 -18.29
N ASP A 48 16.47 -13.30 -18.26
CA ASP A 48 15.44 -12.38 -18.75
C ASP A 48 14.93 -12.77 -20.14
N LYS A 49 15.85 -13.31 -20.95
CA LYS A 49 15.51 -13.74 -22.31
C LYS A 49 14.53 -14.91 -22.29
N GLN A 50 14.87 -15.96 -21.53
CA GLN A 50 14.04 -17.16 -21.45
C GLN A 50 12.66 -16.88 -20.89
N ILE A 51 12.59 -16.03 -19.87
CA ILE A 51 11.31 -15.63 -19.30
C ILE A 51 10.50 -14.83 -20.32
N ASP A 52 11.18 -13.94 -21.04
CA ASP A 52 10.52 -13.15 -22.10
C ASP A 52 9.97 -14.06 -23.20
N GLN A 53 10.78 -15.04 -23.60
CA GLN A 53 10.37 -16.05 -24.59
C GLN A 53 9.18 -16.84 -24.09
N PHE A 54 9.23 -17.27 -22.83
CA PHE A 54 8.14 -18.04 -22.24
C PHE A 54 6.82 -17.28 -22.24
N LEU A 55 6.89 -15.97 -21.96
CA LEU A 55 5.70 -15.13 -21.96
C LEU A 55 5.10 -14.95 -23.36
N VAL A 56 5.96 -15.04 -24.39
CA VAL A 56 5.49 -15.03 -25.78
C VAL A 56 4.77 -16.35 -26.06
N VAL A 57 5.36 -17.45 -25.59
CA VAL A 57 4.79 -18.78 -25.78
C VAL A 57 3.45 -18.88 -25.05
N ALA A 58 3.41 -18.35 -23.83
CA ALA A 58 2.18 -18.36 -23.02
C ALA A 58 1.06 -17.58 -23.71
N ARG A 59 1.43 -16.47 -24.33
CA ARG A 59 0.51 -15.67 -25.11
C ARG A 59 0.05 -16.39 -26.36
N SER A 60 0.99 -17.11 -27.00
CA SER A 60 0.71 -17.86 -28.21
C SER A 60 -0.29 -18.96 -27.95
N VAL A 61 -0.03 -19.75 -26.91
CA VAL A 61 -0.95 -20.80 -26.46
C VAL A 61 -2.34 -20.21 -26.18
N GLY A 62 -2.35 -19.02 -25.58
CA GLY A 62 -3.59 -18.30 -25.29
C GLY A 62 -4.43 -18.02 -26.53
N THR A 63 -3.80 -17.48 -27.58
CA THR A 63 -4.50 -17.14 -28.81
C THR A 63 -5.00 -18.39 -29.51
N PHE A 64 -4.15 -19.42 -29.54
CA PHE A 64 -4.51 -20.69 -30.17
C PHE A 64 -5.67 -21.33 -29.43
N ALA A 65 -5.68 -21.23 -28.10
CA ALA A 65 -6.75 -21.78 -27.29
C ALA A 65 -8.08 -21.17 -27.71
N ARG A 66 -8.15 -19.84 -27.71
CA ARG A 66 -9.39 -19.17 -28.06
C ARG A 66 -9.66 -19.18 -29.57
N ALA A 67 -8.76 -19.80 -30.32
CA ALA A 67 -9.03 -20.14 -31.72
C ALA A 67 -9.84 -21.43 -31.78
N LEU A 68 -9.63 -22.30 -30.79
CA LEU A 68 -10.33 -23.58 -30.72
C LEU A 68 -11.68 -23.47 -30.01
N ASP A 69 -12.33 -22.32 -30.13
CA ASP A 69 -13.69 -22.08 -29.63
C ASP A 69 -13.80 -22.29 -28.11
N SER A 78 -10.79 -10.40 -35.76
CA SER A 78 -10.77 -11.14 -34.50
C SER A 78 -9.41 -11.77 -34.22
N LEU A 79 -8.55 -11.82 -35.23
CA LEU A 79 -7.20 -12.36 -35.05
C LEU A 79 -6.37 -11.44 -34.15
N HIS A 80 -6.38 -10.15 -34.44
CA HIS A 80 -5.73 -9.16 -33.57
C HIS A 80 -6.46 -9.09 -32.22
N MET A 81 -7.79 -9.23 -32.27
CA MET A 81 -8.65 -9.20 -31.08
C MET A 81 -8.32 -10.31 -30.08
N SER A 82 -8.16 -11.54 -30.58
CA SER A 82 -7.86 -12.68 -29.73
C SER A 82 -6.41 -12.68 -29.24
N ALA A 83 -5.50 -12.20 -30.08
CA ALA A 83 -4.09 -12.05 -29.70
C ALA A 83 -3.95 -11.03 -28.58
N ALA A 84 -4.61 -9.87 -28.74
CA ALA A 84 -4.63 -8.84 -27.70
C ALA A 84 -5.27 -9.37 -26.42
N ALA A 85 -6.34 -10.15 -26.58
CA ALA A 85 -7.01 -10.80 -25.45
C ALA A 85 -6.04 -11.70 -24.69
N ALA A 86 -5.31 -12.54 -25.41
CA ALA A 86 -4.34 -13.44 -24.81
C ALA A 86 -3.10 -12.70 -24.27
N SER A 87 -2.92 -11.46 -24.69
CA SER A 87 -1.80 -10.63 -24.25
C SER A 87 -2.05 -9.93 -22.91
N ARG A 88 -3.31 -9.92 -22.47
CA ARG A 88 -3.70 -9.21 -21.25
C ARG A 88 -3.08 -9.80 -20.00
N ASP A 89 -2.97 -8.97 -18.96
CA ASP A 89 -2.18 -9.27 -17.76
C ASP A 89 -2.51 -10.58 -17.05
N ILE A 90 -3.77 -11.01 -17.11
CA ILE A 90 -4.19 -12.25 -16.47
C ILE A 90 -3.39 -13.46 -17.00
N THR A 91 -3.23 -13.51 -18.31
CA THR A 91 -2.47 -14.58 -18.97
C THR A 91 -0.99 -14.47 -18.60
N LEU A 92 -0.47 -13.25 -18.56
CA LEU A 92 0.91 -12.99 -18.21
C LEU A 92 1.19 -13.40 -16.77
N PHE A 93 0.31 -12.99 -15.86
CA PHE A 93 0.47 -13.33 -14.45
C PHE A 93 0.37 -14.83 -14.23
N HIS A 94 -0.57 -15.45 -14.94
CA HIS A 94 -0.75 -16.89 -14.88
C HIS A 94 0.49 -17.62 -15.40
N ALA A 95 1.13 -17.04 -16.40
CA ALA A 95 2.35 -17.60 -16.97
C ALA A 95 3.50 -17.55 -15.98
N MET A 96 3.62 -16.44 -15.26
CA MET A 96 4.65 -16.27 -14.24
C MET A 96 4.48 -17.29 -13.12
N ASP A 97 3.22 -17.52 -12.72
CA ASP A 97 2.89 -18.53 -11.71
C ASP A 97 3.23 -19.93 -12.20
N THR A 98 2.88 -20.21 -13.45
CA THR A 98 3.17 -21.50 -14.09
C THR A 98 4.66 -21.83 -14.01
N LEU A 99 5.51 -20.84 -14.31
CA LEU A 99 6.96 -20.99 -14.20
C LEU A 99 7.40 -21.36 -12.78
N HIS A 100 6.87 -20.62 -11.80
CA HIS A 100 7.26 -20.81 -10.41
C HIS A 100 6.79 -22.16 -9.87
N LYS A 101 5.55 -22.53 -10.17
CA LYS A 101 5.00 -23.80 -9.73
C LYS A 101 5.75 -24.99 -10.32
N ASN A 102 6.34 -24.82 -11.49
CA ASN A 102 7.12 -25.88 -12.13
C ASN A 102 8.64 -25.73 -11.89
N ILE A 103 8.98 -25.06 -10.79
CA ILE A 103 10.38 -24.92 -10.34
C ILE A 103 11.28 -24.35 -11.44
N TYR A 104 10.72 -23.45 -12.26
CA TYR A 104 11.45 -22.73 -13.31
C TYR A 104 12.09 -23.63 -14.38
N ASP A 105 11.54 -24.82 -14.54
CA ASP A 105 11.88 -25.72 -15.64
C ASP A 105 10.98 -25.39 -16.84
N ILE A 106 11.59 -24.80 -17.86
CA ILE A 106 10.88 -24.39 -19.09
C ILE A 106 10.11 -25.56 -19.71
N SER A 107 10.80 -26.70 -19.85
CA SER A 107 10.22 -27.92 -20.42
C SER A 107 8.98 -28.35 -19.66
N LYS A 108 9.08 -28.40 -18.34
CA LYS A 108 7.99 -28.83 -17.47
C LYS A 108 6.84 -27.82 -17.49
N ALA A 109 7.18 -26.54 -17.48
CA ALA A 109 6.20 -25.44 -17.42
C ALA A 109 5.37 -25.33 -18.69
N ILE A 110 5.95 -25.71 -19.82
CA ILE A 110 5.25 -25.68 -21.10
C ILE A 110 4.19 -26.79 -21.17
N SER A 111 4.50 -27.95 -20.58
CA SER A 111 3.55 -29.05 -20.45
C SER A 111 2.34 -28.64 -19.61
N ALA A 112 2.56 -27.77 -18.63
CA ALA A 112 1.49 -27.25 -17.79
C ALA A 112 0.53 -26.36 -18.58
N LEU A 113 1.06 -25.68 -19.60
CA LEU A 113 0.27 -24.85 -20.49
C LEU A 113 -0.60 -25.66 -21.45
N VAL A 114 -0.13 -26.86 -21.82
CA VAL A 114 -0.84 -27.73 -22.76
C VAL A 114 -1.01 -29.14 -22.14
N PRO A 115 -1.83 -29.26 -21.08
CA PRO A 115 -1.98 -30.46 -20.25
C PRO A 115 -2.12 -31.81 -20.96
N GLN A 116 -3.00 -31.88 -21.97
CA GLN A 116 -3.24 -33.15 -22.65
C GLN A 116 -3.35 -32.92 -24.15
N GLY A 117 -2.46 -32.08 -24.67
CA GLY A 117 -2.51 -31.68 -26.07
C GLY A 117 -3.56 -30.59 -26.29
N GLY A 118 -4.13 -30.11 -25.20
CA GLY A 118 -5.12 -29.04 -25.24
C GLY A 118 -4.61 -27.82 -24.49
N PRO A 119 -4.81 -26.62 -25.06
CA PRO A 119 -4.30 -25.38 -24.47
C PRO A 119 -5.12 -24.93 -23.26
N VAL A 120 -4.65 -23.88 -22.58
CA VAL A 120 -5.39 -23.30 -21.46
C VAL A 120 -5.86 -21.88 -21.76
N LEU A 121 -7.10 -21.59 -21.39
CA LEU A 121 -7.65 -20.25 -21.50
C LEU A 121 -7.65 -19.55 -20.14
N CYS A 122 -7.34 -18.26 -20.16
CA CYS A 122 -7.43 -17.42 -18.97
C CYS A 122 -8.10 -16.13 -19.39
N ARG A 123 -9.30 -15.91 -18.87
CA ARG A 123 -10.09 -14.75 -19.26
C ARG A 123 -10.51 -13.92 -18.06
N ASP A 124 -10.13 -12.64 -18.08
CA ASP A 124 -10.59 -11.69 -17.07
C ASP A 124 -12.05 -11.31 -17.29
N GLU A 125 -12.66 -10.73 -16.25
CA GLU A 125 -14.08 -10.37 -16.27
C GLU A 125 -14.47 -9.52 -17.47
N MET A 126 -13.51 -8.74 -17.97
CA MET A 126 -13.73 -7.91 -19.15
C MET A 126 -14.08 -8.78 -20.35
N GLU A 127 -13.23 -9.79 -20.62
CA GLU A 127 -13.42 -10.67 -21.76
C GLU A 127 -14.52 -11.70 -21.49
N GLU A 128 -14.70 -12.06 -20.22
CA GLU A 128 -15.54 -13.18 -19.82
C GLU A 128 -17.04 -12.95 -19.94
N TRP A 129 -17.48 -11.72 -19.66
CA TRP A 129 -18.90 -11.39 -19.67
C TRP A 129 -19.50 -11.58 -21.06
N SER A 130 -20.81 -11.85 -21.10
CA SER A 130 -21.51 -12.04 -22.36
C SER A 130 -21.85 -10.71 -23.02
N ALA A 131 -22.34 -10.76 -24.25
CA ALA A 131 -22.70 -9.55 -24.99
C ALA A 131 -23.86 -8.82 -24.31
N SER A 132 -24.78 -9.61 -23.75
CA SER A 132 -25.94 -9.07 -23.03
C SER A 132 -25.57 -8.54 -21.64
N GLU A 133 -24.61 -9.19 -20.99
CA GLU A 133 -24.15 -8.76 -19.67
C GLU A 133 -23.42 -7.42 -19.75
N ALA A 134 -22.62 -7.24 -20.79
CA ALA A 134 -21.93 -5.97 -21.04
C ALA A 134 -22.93 -4.85 -21.32
N ASN A 135 -24.00 -5.21 -22.03
CA ASN A 135 -25.09 -4.27 -22.34
C ASN A 135 -25.88 -3.88 -21.09
N LEU A 136 -26.11 -4.87 -20.22
CA LEU A 136 -26.78 -4.64 -18.94
C LEU A 136 -25.95 -3.71 -18.06
N PHE A 137 -24.63 -3.90 -18.10
CA PHE A 137 -23.71 -3.08 -17.31
C PHE A 137 -23.81 -1.61 -17.70
N GLU A 138 -23.81 -1.33 -19.00
CA GLU A 138 -23.85 0.04 -19.50
C GLU A 138 -25.16 0.76 -19.20
N GLU A 139 -26.25 0.01 -19.16
CA GLU A 139 -27.55 0.55 -18.79
C GLU A 139 -27.57 0.88 -17.29
N ALA A 140 -27.03 -0.04 -16.50
CA ALA A 140 -26.97 0.10 -15.05
C ALA A 140 -26.11 1.28 -14.62
N LEU A 141 -25.02 1.51 -15.36
CA LEU A 141 -24.10 2.60 -15.09
C LEU A 141 -24.71 3.95 -15.46
N GLU A 142 -25.30 4.02 -16.65
CA GLU A 142 -25.95 5.26 -17.14
C GLU A 142 -27.15 5.65 -16.28
N LYS A 143 -27.72 4.68 -15.56
CA LYS A 143 -28.87 4.93 -14.71
C LYS A 143 -28.52 5.13 -13.24
N TYR A 144 -27.71 4.23 -12.67
CA TYR A 144 -27.42 4.28 -11.23
C TYR A 144 -26.07 4.89 -10.87
N GLY A 145 -25.40 5.50 -11.83
CA GLY A 145 -24.07 6.07 -11.62
C GLY A 145 -23.05 4.99 -11.27
N LYS A 146 -22.29 5.22 -10.20
CA LYS A 146 -21.29 4.26 -9.74
C LYS A 146 -21.70 3.60 -8.42
N ASP A 147 -22.97 3.19 -8.35
CA ASP A 147 -23.50 2.52 -7.18
C ASP A 147 -23.60 1.02 -7.46
N PHE A 148 -22.47 0.34 -7.26
CA PHE A 148 -22.31 -1.03 -7.74
C PHE A 148 -23.13 -2.10 -7.02
N THR A 149 -23.49 -1.87 -5.76
CA THR A 149 -24.40 -2.80 -5.06
C THR A 149 -25.77 -2.78 -5.71
N ASP A 150 -26.24 -1.59 -6.07
CA ASP A 150 -27.51 -1.43 -6.77
C ASP A 150 -27.43 -1.90 -8.20
N ILE A 151 -26.25 -1.75 -8.80
CA ILE A 151 -26.03 -2.18 -10.18
C ILE A 151 -26.21 -3.69 -10.30
N GLN A 152 -25.83 -4.43 -9.27
CA GLN A 152 -26.04 -5.87 -9.26
C GLN A 152 -27.45 -6.21 -8.81
N GLN A 153 -27.87 -5.63 -7.69
CA GLN A 153 -29.17 -5.93 -7.10
C GLN A 153 -30.32 -5.79 -8.10
N ASP A 154 -30.13 -4.91 -9.08
CA ASP A 154 -31.19 -4.60 -10.04
C ASP A 154 -30.90 -5.04 -11.47
N PHE A 155 -29.62 -5.10 -11.85
CA PHE A 155 -29.25 -5.36 -13.24
C PHE A 155 -28.46 -6.65 -13.48
N LEU A 156 -27.54 -6.95 -12.57
CA LEU A 156 -26.69 -8.15 -12.68
C LEU A 156 -26.59 -8.90 -11.34
N PRO A 157 -27.72 -9.43 -10.84
CA PRO A 157 -27.72 -10.01 -9.49
C PRO A 157 -27.12 -11.40 -9.43
N TRP A 158 -26.76 -11.97 -10.57
CA TRP A 158 -26.11 -13.28 -10.61
C TRP A 158 -24.58 -13.16 -10.55
N LYS A 159 -24.07 -11.94 -10.76
CA LYS A 159 -22.64 -11.68 -10.62
C LYS A 159 -22.31 -11.30 -9.18
N SER A 160 -21.11 -11.64 -8.72
CA SER A 160 -20.65 -11.19 -7.41
C SER A 160 -20.21 -9.73 -7.51
N LEU A 161 -20.37 -9.00 -6.41
CA LEU A 161 -20.03 -7.58 -6.39
C LEU A 161 -18.58 -7.32 -6.79
N THR A 162 -17.67 -8.16 -6.28
CA THR A 162 -16.24 -8.01 -6.56
C THR A 162 -15.91 -8.18 -8.05
N SER A 163 -16.66 -9.04 -8.74
CA SER A 163 -16.47 -9.21 -10.18
C SER A 163 -16.93 -7.97 -10.95
N ILE A 164 -18.01 -7.35 -10.47
CA ILE A 164 -18.56 -6.14 -11.07
C ILE A 164 -17.60 -4.96 -10.91
N ILE A 165 -16.89 -4.93 -9.79
CA ILE A 165 -15.84 -3.92 -9.56
C ILE A 165 -14.69 -4.12 -10.55
N GLU A 166 -14.16 -5.35 -10.58
CA GLU A 166 -13.09 -5.72 -11.51
C GLU A 166 -13.46 -5.39 -12.95
N TYR A 167 -14.68 -5.76 -13.34
CA TYR A 167 -15.14 -5.49 -14.69
C TYR A 167 -15.23 -3.99 -14.97
N TYR A 168 -15.70 -3.22 -13.98
CA TYR A 168 -15.90 -1.79 -14.18
C TYR A 168 -14.60 -1.13 -14.60
N TYR A 169 -13.57 -1.29 -13.77
CA TYR A 169 -12.28 -0.66 -13.98
C TYR A 169 -11.65 -1.03 -15.32
N MET A 170 -11.85 -2.27 -15.75
CA MET A 170 -11.36 -2.71 -17.05
C MET A 170 -12.15 -2.06 -18.19
N TRP A 171 -13.44 -1.86 -17.98
CA TRP A 171 -14.32 -1.24 -18.97
C TRP A 171 -14.05 0.26 -19.12
N LYS A 172 -13.49 0.86 -18.07
CA LYS A 172 -13.17 2.29 -18.02
C LYS A 172 -12.14 2.68 -19.11
N THR A 173 -11.43 1.68 -19.64
CA THR A 173 -10.43 1.89 -20.69
C THR A 173 -11.07 2.19 -22.06
N THR A 174 -11.92 1.28 -22.53
CA THR A 174 -12.51 1.34 -23.87
C THR A 174 -13.47 2.52 -24.06
N ARG B 8 23.59 -5.67 -3.79
CA ARG B 8 22.33 -4.88 -3.78
C ARG B 8 21.24 -5.47 -2.87
N ARG B 9 20.48 -4.59 -2.23
CA ARG B 9 19.45 -4.98 -1.26
C ARG B 9 18.38 -5.88 -1.89
N LYS B 10 17.97 -6.89 -1.14
CA LYS B 10 16.92 -7.82 -1.55
C LYS B 10 15.54 -7.30 -1.14
N VAL B 11 14.59 -7.34 -2.07
CA VAL B 11 13.25 -6.78 -1.86
C VAL B 11 12.15 -7.86 -1.88
N CYS B 12 11.25 -7.80 -0.90
CA CYS B 12 10.08 -8.69 -0.86
C CYS B 12 8.77 -7.94 -0.99
N TYR B 13 7.98 -8.34 -1.98
CA TYR B 13 6.75 -7.65 -2.34
C TYR B 13 5.54 -8.46 -1.89
N TYR B 14 4.57 -7.77 -1.28
CA TYR B 14 3.36 -8.43 -0.77
C TYR B 14 2.11 -7.91 -1.45
N TYR B 15 1.34 -8.84 -2.02
CA TYR B 15 0.14 -8.51 -2.77
C TYR B 15 -0.85 -9.67 -2.73
N ASP B 16 -2.13 -9.35 -2.59
CA ASP B 16 -3.20 -10.32 -2.80
C ASP B 16 -4.18 -9.79 -3.84
N GLY B 17 -4.44 -10.62 -4.85
CA GLY B 17 -5.27 -10.25 -6.01
C GLY B 17 -6.62 -9.64 -5.70
N ASP B 18 -7.18 -9.96 -4.53
CA ASP B 18 -8.50 -9.47 -4.13
C ASP B 18 -8.54 -7.99 -3.79
N VAL B 19 -7.44 -7.46 -3.27
CA VAL B 19 -7.40 -6.11 -2.70
C VAL B 19 -7.98 -5.03 -3.63
N GLY B 20 -7.69 -5.13 -4.93
CA GLY B 20 -8.14 -4.15 -5.90
C GLY B 20 -9.62 -4.18 -6.19
N ASN B 21 -10.31 -5.20 -5.68
CA ASN B 21 -11.73 -5.39 -5.98
C ASN B 21 -12.67 -5.03 -4.83
N TYR B 22 -12.09 -4.65 -3.70
CA TYR B 22 -12.87 -4.09 -2.60
C TYR B 22 -13.16 -2.62 -2.90
N TYR B 23 -14.40 -2.20 -2.64
CA TYR B 23 -14.87 -0.88 -3.04
C TYR B 23 -15.50 -0.17 -1.85
N TYR B 24 -15.04 1.03 -1.54
CA TYR B 24 -15.47 1.77 -0.35
C TYR B 24 -16.92 2.26 -0.42
N GLY B 25 -17.34 2.73 -1.58
CA GLY B 25 -18.67 3.30 -1.75
C GLY B 25 -18.69 4.39 -2.81
N GLN B 26 -19.88 4.69 -3.31
CA GLN B 26 -20.06 5.69 -4.36
C GLN B 26 -19.68 7.07 -3.85
N GLY B 27 -18.85 7.77 -4.62
CA GLY B 27 -18.43 9.13 -4.29
C GLY B 27 -17.22 9.20 -3.37
N HIS B 28 -16.83 8.06 -2.82
CA HIS B 28 -15.70 7.99 -1.88
C HIS B 28 -14.35 8.14 -2.58
N PRO B 29 -13.42 8.90 -1.98
CA PRO B 29 -12.10 9.12 -2.59
C PRO B 29 -11.14 7.92 -2.50
N MET B 30 -11.23 7.13 -1.43
CA MET B 30 -10.32 6.00 -1.22
C MET B 30 -10.69 4.81 -2.12
N LYS B 31 -9.84 4.58 -3.12
CA LYS B 31 -10.10 3.56 -4.13
C LYS B 31 -8.98 2.53 -4.15
N PRO B 32 -9.20 1.35 -3.52
CA PRO B 32 -8.16 0.33 -3.34
C PRO B 32 -7.61 -0.23 -4.66
N HIS B 33 -8.34 0.02 -5.75
CA HIS B 33 -7.94 -0.43 -7.07
C HIS B 33 -6.54 0.06 -7.44
N ARG B 34 -6.14 1.21 -6.89
CA ARG B 34 -4.85 1.82 -7.17
C ARG B 34 -3.67 0.87 -6.91
N ILE B 35 -3.86 -0.07 -5.98
CA ILE B 35 -2.83 -1.06 -5.66
C ILE B 35 -2.66 -2.06 -6.81
N ARG B 36 -3.78 -2.46 -7.40
CA ARG B 36 -3.80 -3.36 -8.56
C ARG B 36 -3.14 -2.71 -9.78
N MET B 37 -3.37 -1.41 -9.95
CA MET B 37 -2.75 -0.64 -11.02
C MET B 37 -1.23 -0.66 -10.89
N THR B 38 -0.74 -0.37 -9.69
CA THR B 38 0.69 -0.43 -9.38
C THR B 38 1.22 -1.82 -9.73
N HIS B 39 0.56 -2.83 -9.19
CA HIS B 39 0.91 -4.23 -9.43
C HIS B 39 1.09 -4.51 -10.91
N ASN B 40 0.09 -4.16 -11.71
CA ASN B 40 0.14 -4.39 -13.15
C ASN B 40 1.28 -3.67 -13.87
N LEU B 41 1.57 -2.45 -13.44
CA LEU B 41 2.71 -1.70 -13.98
C LEU B 41 4.03 -2.38 -13.61
N LEU B 42 4.14 -2.80 -12.36
CA LEU B 42 5.32 -3.51 -11.87
C LEU B 42 5.66 -4.74 -12.70
N LEU B 43 4.64 -5.48 -13.12
CA LEU B 43 4.84 -6.64 -13.99
C LEU B 43 5.45 -6.21 -15.30
N ASN B 44 4.80 -5.26 -15.96
CA ASN B 44 5.15 -4.88 -17.32
C ASN B 44 6.39 -4.02 -17.45
N TYR B 45 6.74 -3.31 -16.38
CA TYR B 45 8.04 -2.63 -16.31
C TYR B 45 9.15 -3.65 -16.04
N GLY B 46 8.77 -4.87 -15.70
CA GLY B 46 9.72 -5.96 -15.48
C GLY B 46 10.34 -5.94 -14.09
N LEU B 47 9.73 -5.19 -13.18
CA LEU B 47 10.23 -5.10 -11.80
C LEU B 47 9.76 -6.30 -10.97
N TYR B 48 8.50 -6.70 -11.16
CA TYR B 48 7.92 -7.91 -10.54
C TYR B 48 8.93 -9.04 -10.63
N ARG B 49 9.43 -9.26 -11.84
CA ARG B 49 10.45 -10.24 -12.18
C ARG B 49 11.64 -10.25 -11.23
N LYS B 50 12.00 -9.06 -10.72
CA LYS B 50 13.24 -8.85 -9.97
C LYS B 50 13.14 -8.99 -8.44
N MET B 51 11.92 -9.08 -7.93
CA MET B 51 11.74 -9.20 -6.48
C MET B 51 10.95 -10.45 -6.08
N GLU B 52 11.15 -10.90 -4.84
CA GLU B 52 10.43 -12.06 -4.29
C GLU B 52 8.98 -11.66 -4.05
N ILE B 53 8.04 -12.36 -4.70
CA ILE B 53 6.62 -12.02 -4.60
C ILE B 53 5.90 -12.96 -3.65
N TYR B 54 5.21 -12.41 -2.65
CA TYR B 54 4.46 -13.21 -1.70
C TYR B 54 2.98 -12.83 -1.66
N ARG B 55 2.12 -13.84 -1.51
CA ARG B 55 0.72 -13.62 -1.21
C ARG B 55 0.57 -13.70 0.32
N PRO B 56 0.18 -12.58 0.95
CA PRO B 56 -0.08 -12.61 2.38
C PRO B 56 -1.36 -13.38 2.72
N HIS B 57 -1.26 -14.30 3.67
CA HIS B 57 -2.43 -14.95 4.22
C HIS B 57 -3.18 -13.93 5.09
N LYS B 58 -4.50 -14.05 5.14
CA LYS B 58 -5.34 -13.17 5.94
C LYS B 58 -4.83 -13.07 7.38
N ALA B 59 -4.87 -11.86 7.95
CA ALA B 59 -4.52 -11.67 9.35
C ALA B 59 -5.79 -11.81 10.19
N ASN B 60 -5.76 -12.78 11.12
CA ASN B 60 -6.93 -13.08 11.95
C ASN B 60 -7.07 -12.13 13.14
N ALA B 61 -8.26 -12.17 13.76
CA ALA B 61 -8.58 -11.36 14.95
C ALA B 61 -7.53 -11.50 16.05
N GLU B 62 -6.90 -12.68 16.12
CA GLU B 62 -5.84 -12.98 17.07
C GLU B 62 -4.78 -11.88 17.12
N GLU B 63 -4.14 -11.63 15.98
CA GLU B 63 -3.02 -10.68 15.93
C GLU B 63 -3.44 -9.22 15.71
N MET B 64 -4.69 -9.02 15.31
CA MET B 64 -5.26 -7.68 15.20
C MET B 64 -5.47 -7.09 16.60
N THR B 65 -5.74 -7.95 17.57
CA THR B 65 -5.98 -7.54 18.96
C THR B 65 -4.69 -7.42 19.77
N LYS B 66 -3.54 -7.68 19.13
CA LYS B 66 -2.25 -7.44 19.77
C LYS B 66 -2.00 -5.95 20.00
N TYR B 67 -2.91 -5.13 19.49
CA TYR B 67 -2.94 -3.70 19.77
C TYR B 67 -4.37 -3.22 20.00
N HIS B 68 -5.28 -3.60 19.10
CA HIS B 68 -6.65 -3.12 19.16
C HIS B 68 -7.49 -3.81 20.24
N SER B 69 -8.67 -3.24 20.51
CA SER B 69 -9.60 -3.76 21.49
C SER B 69 -10.16 -5.12 21.06
N ASP B 70 -10.36 -6.00 22.04
CA ASP B 70 -10.99 -7.30 21.80
C ASP B 70 -12.39 -7.13 21.22
N ASP B 71 -13.02 -5.99 21.51
CA ASP B 71 -14.39 -5.71 21.08
C ASP B 71 -14.51 -4.62 20.01
N TYR B 72 -13.36 -4.11 19.55
CA TYR B 72 -13.35 -3.28 18.35
C TYR B 72 -13.21 -4.18 17.11
N ILE B 73 -12.27 -5.12 17.18
CA ILE B 73 -12.06 -6.12 16.14
C ILE B 73 -13.31 -7.02 16.00
N LYS B 74 -13.87 -7.41 17.15
CA LYS B 74 -15.10 -8.19 17.19
C LYS B 74 -16.27 -7.46 16.52
N PHE B 75 -16.27 -6.13 16.61
CA PHE B 75 -17.25 -5.31 15.90
C PHE B 75 -17.02 -5.36 14.40
N LEU B 76 -15.76 -5.20 13.99
CA LEU B 76 -15.39 -5.20 12.57
C LEU B 76 -15.65 -6.54 11.91
N ARG B 77 -15.31 -7.63 12.61
CA ARG B 77 -15.53 -8.98 12.13
C ARG B 77 -17.03 -9.25 11.92
N SER B 78 -17.88 -8.54 12.66
CA SER B 78 -19.31 -8.78 12.65
C SER B 78 -20.12 -7.84 11.77
N ILE B 79 -19.65 -6.60 11.63
CA ILE B 79 -20.38 -5.56 10.90
C ILE B 79 -20.44 -5.84 9.39
N ARG B 80 -21.64 -5.70 8.84
CA ARG B 80 -21.88 -5.88 7.41
C ARG B 80 -22.93 -4.85 6.99
N PRO B 81 -23.10 -4.64 5.66
CA PRO B 81 -24.19 -3.77 5.20
C PRO B 81 -25.59 -4.31 5.52
N ASP B 82 -25.67 -5.57 5.96
CA ASP B 82 -26.91 -6.20 6.39
C ASP B 82 -27.36 -5.61 7.73
N ASN B 83 -26.60 -5.91 8.77
CA ASN B 83 -26.91 -5.49 10.14
C ASN B 83 -26.50 -4.05 10.45
N MET B 84 -26.47 -3.22 9.40
CA MET B 84 -26.06 -1.83 9.51
C MET B 84 -27.05 -0.98 10.33
N SER B 85 -28.34 -1.26 10.19
CA SER B 85 -29.38 -0.55 10.94
C SER B 85 -29.59 -1.16 12.33
N GLU B 86 -28.95 -2.29 12.60
CA GLU B 86 -29.01 -2.96 13.90
C GLU B 86 -27.89 -2.48 14.83
N TYR B 87 -26.72 -2.22 14.25
CA TYR B 87 -25.52 -1.87 15.01
C TYR B 87 -25.36 -0.37 15.33
N SER B 88 -26.24 0.45 14.75
CA SER B 88 -26.10 1.92 14.74
C SER B 88 -25.59 2.57 16.05
N LYS B 89 -25.85 1.91 17.18
CA LYS B 89 -25.33 2.36 18.47
C LYS B 89 -23.80 2.28 18.52
N GLN B 90 -23.27 1.10 18.19
CA GLN B 90 -21.81 0.85 18.17
C GLN B 90 -21.10 1.56 17.01
N MET B 91 -21.84 1.84 15.94
CA MET B 91 -21.30 2.55 14.78
C MET B 91 -20.85 3.98 15.12
N GLN B 92 -21.56 4.61 16.05
CA GLN B 92 -21.20 5.96 16.50
C GLN B 92 -20.02 5.92 17.48
N ARG B 93 -19.95 4.87 18.29
CA ARG B 93 -18.85 4.69 19.24
C ARG B 93 -17.50 4.42 18.56
N PHE B 94 -17.53 3.67 17.47
CA PHE B 94 -16.32 3.28 16.75
C PHE B 94 -16.00 4.16 15.51
N ASN B 95 -16.90 5.10 15.22
CA ASN B 95 -16.80 6.03 14.07
C ASN B 95 -16.84 5.34 12.68
N VAL B 96 -17.58 4.25 12.57
CA VAL B 96 -17.76 3.55 11.31
C VAL B 96 -19.14 3.88 10.77
N GLY B 97 -19.20 4.46 9.56
CA GLY B 97 -20.49 4.76 8.94
C GLY B 97 -20.53 5.97 8.05
N GLU B 98 -19.64 6.93 8.27
CA GLU B 98 -19.61 8.15 7.47
C GLU B 98 -18.19 8.54 7.03
N ASP B 99 -17.37 8.95 7.99
CA ASP B 99 -15.95 9.27 7.76
C ASP B 99 -15.25 8.01 7.22
N CYS B 100 -15.51 6.88 7.88
CA CYS B 100 -15.02 5.58 7.47
C CYS B 100 -16.24 4.69 7.21
N PRO B 101 -16.65 4.55 5.94
CA PRO B 101 -17.92 3.90 5.61
C PRO B 101 -17.91 2.38 5.77
N VAL B 102 -19.11 1.81 5.89
CA VAL B 102 -19.29 0.36 5.92
C VAL B 102 -19.49 -0.11 4.48
N PHE B 103 -18.73 -1.12 4.08
CA PHE B 103 -18.82 -1.64 2.74
C PHE B 103 -18.60 -3.15 2.72
N ASP B 104 -19.06 -3.79 1.66
CA ASP B 104 -18.99 -5.24 1.52
C ASP B 104 -17.55 -5.70 1.32
N GLY B 105 -17.08 -6.53 2.24
CA GLY B 105 -15.72 -7.05 2.21
C GLY B 105 -14.76 -6.34 3.17
N LEU B 106 -15.26 -5.29 3.82
CA LEU B 106 -14.46 -4.41 4.68
C LEU B 106 -13.42 -5.13 5.54
N PHE B 107 -13.82 -6.19 6.22
CA PHE B 107 -12.92 -6.88 7.14
C PHE B 107 -11.81 -7.63 6.40
N GLU B 108 -12.15 -8.22 5.26
CA GLU B 108 -11.18 -8.94 4.44
C GLU B 108 -10.09 -7.98 3.94
N PHE B 109 -10.52 -6.77 3.58
CA PHE B 109 -9.61 -5.69 3.18
C PHE B 109 -8.61 -5.33 4.29
N CYS B 110 -9.06 -5.41 5.54
CA CYS B 110 -8.21 -5.16 6.69
C CYS B 110 -7.25 -6.32 6.92
N GLN B 111 -7.69 -7.52 6.56
CA GLN B 111 -6.89 -8.72 6.76
C GLN B 111 -5.73 -8.79 5.79
N LEU B 112 -5.94 -8.34 4.56
CA LEU B 112 -4.90 -8.31 3.55
C LEU B 112 -3.89 -7.19 3.82
N SER B 113 -4.41 -6.02 4.20
CA SER B 113 -3.59 -4.87 4.53
C SER B 113 -2.68 -5.15 5.74
N THR B 114 -3.25 -5.76 6.77
CA THR B 114 -2.51 -6.10 7.99
C THR B 114 -1.56 -7.27 7.75
N GLY B 115 -2.07 -8.33 7.12
CA GLY B 115 -1.27 -9.52 6.81
C GLY B 115 0.00 -9.20 6.06
N GLY B 116 -0.10 -8.32 5.06
CA GLY B 116 1.05 -7.88 4.29
C GLY B 116 2.13 -7.25 5.15
N SER B 117 1.72 -6.33 6.02
CA SER B 117 2.64 -5.61 6.90
C SER B 117 3.31 -6.51 7.93
N VAL B 118 2.53 -7.38 8.57
CA VAL B 118 3.05 -8.27 9.59
C VAL B 118 4.01 -9.29 8.99
N ALA B 119 3.59 -9.96 7.92
CA ALA B 119 4.40 -10.99 7.27
C ALA B 119 5.75 -10.45 6.84
N SER B 120 5.77 -9.19 6.42
CA SER B 120 7.00 -8.50 6.02
C SER B 120 7.85 -8.09 7.21
N ALA B 121 7.21 -7.77 8.33
CA ALA B 121 7.94 -7.46 9.57
C ALA B 121 8.64 -8.71 10.07
N VAL B 122 7.94 -9.85 10.04
CA VAL B 122 8.51 -11.13 10.42
C VAL B 122 9.68 -11.43 9.49
N LYS B 123 9.44 -11.24 8.19
CA LYS B 123 10.46 -11.41 7.15
C LYS B 123 11.71 -10.57 7.44
N LEU B 124 11.49 -9.36 7.97
CA LEU B 124 12.59 -8.48 8.36
C LEU B 124 13.32 -8.94 9.62
N ASN B 125 12.55 -9.35 10.63
CA ASN B 125 13.10 -9.89 11.86
C ASN B 125 13.88 -11.18 11.63
N LYS B 126 13.29 -12.06 10.81
CA LYS B 126 13.93 -13.31 10.42
C LYS B 126 15.19 -13.09 9.58
N GLN B 127 15.47 -11.82 9.27
CA GLN B 127 16.70 -11.39 8.61
C GLN B 127 16.83 -11.95 7.18
N GLN B 128 15.69 -12.33 6.59
CA GLN B 128 15.68 -12.95 5.27
C GLN B 128 15.32 -11.99 4.13
N THR B 129 15.32 -10.68 4.44
CA THR B 129 15.19 -9.62 3.44
C THR B 129 15.78 -8.30 3.95
N ASP B 130 16.20 -7.44 3.03
CA ASP B 130 16.69 -6.12 3.37
C ASP B 130 15.57 -5.07 3.29
N ILE B 131 14.75 -5.18 2.25
CA ILE B 131 13.56 -4.33 2.10
C ILE B 131 12.34 -5.23 1.95
N ALA B 132 11.20 -4.75 2.45
CA ALA B 132 9.93 -5.43 2.25
C ALA B 132 8.86 -4.38 1.91
N VAL B 133 8.03 -4.70 0.93
CA VAL B 133 7.09 -3.74 0.38
C VAL B 133 5.64 -4.23 0.46
N ASN B 134 4.75 -3.36 0.93
CA ASN B 134 3.33 -3.65 1.01
C ASN B 134 2.53 -2.37 0.74
N TRP B 135 2.14 -2.17 -0.51
CA TRP B 135 1.39 -0.96 -0.89
C TRP B 135 -0.05 -0.98 -0.38
N ALA B 136 -0.55 -2.16 -0.02
CA ALA B 136 -1.89 -2.28 0.55
C ALA B 136 -1.95 -1.67 1.95
N GLY B 137 -0.91 -1.91 2.75
CA GLY B 137 -0.83 -1.36 4.10
C GLY B 137 -0.52 0.12 4.18
N GLY B 138 -0.03 0.55 5.34
CA GLY B 138 0.31 1.96 5.58
C GLY B 138 -0.85 2.83 6.02
N LEU B 139 -1.94 2.20 6.46
CA LEU B 139 -3.13 2.93 6.90
C LEU B 139 -2.97 3.42 8.33
N HIS B 140 -2.71 4.72 8.48
CA HIS B 140 -2.11 5.28 9.70
C HIS B 140 -3.02 6.10 10.62
N HIS B 141 -4.27 6.35 10.22
CA HIS B 141 -5.18 7.14 11.04
C HIS B 141 -5.98 6.31 12.05
N ALA B 142 -5.83 4.99 11.99
CA ALA B 142 -6.59 4.08 12.84
C ALA B 142 -6.11 4.15 14.29
N LYS B 143 -7.07 4.22 15.21
CA LYS B 143 -6.79 4.26 16.64
C LYS B 143 -7.13 2.92 17.28
N LYS B 144 -6.80 2.78 18.56
CA LYS B 144 -6.97 1.52 19.31
C LYS B 144 -8.43 1.05 19.39
N SER B 145 -9.36 2.00 19.46
CA SER B 145 -10.77 1.67 19.66
C SER B 145 -11.70 2.36 18.69
N GLU B 146 -11.17 2.91 17.60
CA GLU B 146 -12.00 3.56 16.57
C GLU B 146 -11.32 3.66 15.20
N ALA B 147 -12.17 3.70 14.17
CA ALA B 147 -11.72 3.93 12.80
C ALA B 147 -11.72 5.42 12.50
N SER B 148 -10.61 5.91 11.95
CA SER B 148 -10.48 7.31 11.58
C SER B 148 -9.84 7.46 10.21
N GLY B 149 -10.27 8.48 9.48
CA GLY B 149 -9.70 8.82 8.16
C GLY B 149 -9.40 7.64 7.26
N PHE B 150 -10.44 6.91 6.90
CA PHE B 150 -10.38 5.75 6.00
C PHE B 150 -9.48 4.59 6.49
N CYS B 151 -9.08 4.63 7.76
CA CYS B 151 -8.27 3.57 8.33
C CYS B 151 -9.03 2.84 9.44
N TYR B 152 -9.16 1.53 9.30
CA TYR B 152 -9.90 0.72 10.27
C TYR B 152 -8.96 -0.04 11.19
N VAL B 153 -7.94 -0.67 10.62
CA VAL B 153 -6.93 -1.38 11.39
C VAL B 153 -5.56 -0.79 11.09
N ASN B 154 -4.88 -0.33 12.14
CA ASN B 154 -3.56 0.24 11.98
C ASN B 154 -2.54 -0.87 11.81
N ASP B 155 -2.31 -1.25 10.55
CA ASP B 155 -1.35 -2.30 10.19
C ASP B 155 0.08 -1.93 10.60
N ILE B 156 0.34 -0.63 10.66
CA ILE B 156 1.66 -0.10 10.95
C ILE B 156 2.09 -0.40 12.38
N VAL B 157 1.19 -0.14 13.33
CA VAL B 157 1.44 -0.41 14.74
C VAL B 157 1.81 -1.88 14.97
N LEU B 158 0.97 -2.76 14.43
CA LEU B 158 1.15 -4.21 14.56
C LEU B 158 2.47 -4.63 13.92
N ALA B 159 2.80 -3.99 12.80
CA ALA B 159 4.07 -4.23 12.12
C ALA B 159 5.25 -3.84 13.00
N ILE B 160 5.10 -2.74 13.73
CA ILE B 160 6.16 -2.24 14.61
C ILE B 160 6.28 -3.10 15.87
N LEU B 161 5.15 -3.52 16.42
CA LEU B 161 5.11 -4.39 17.61
C LEU B 161 5.86 -5.70 17.39
N GLU B 162 5.78 -6.21 16.16
CA GLU B 162 6.54 -7.40 15.76
C GLU B 162 8.03 -7.10 15.62
N LEU B 163 8.36 -5.88 15.22
CA LEU B 163 9.75 -5.49 15.04
C LEU B 163 10.44 -5.17 16.37
N LEU B 164 9.63 -4.81 17.37
CA LEU B 164 10.11 -4.54 18.71
C LEU B 164 10.58 -5.82 19.43
N LYS B 165 10.34 -6.95 18.78
CA LYS B 165 10.75 -8.26 19.29
C LYS B 165 12.23 -8.56 19.00
N TYR B 166 12.77 -7.94 17.95
CA TYR B 166 14.16 -8.16 17.57
C TYR B 166 14.97 -6.86 17.51
N HIS B 167 14.26 -5.73 17.51
CA HIS B 167 14.91 -4.43 17.38
C HIS B 167 14.60 -3.54 18.58
N GLN B 168 15.67 -3.04 19.22
CA GLN B 168 15.55 -2.13 20.36
C GLN B 168 14.82 -0.84 19.97
N ARG B 169 15.32 -0.19 18.92
CA ARG B 169 14.76 1.08 18.47
C ARG B 169 14.25 0.99 17.03
N VAL B 170 12.95 1.28 16.88
CA VAL B 170 12.31 1.28 15.57
C VAL B 170 11.92 2.70 15.18
N LEU B 171 12.43 3.15 14.04
CA LEU B 171 12.10 4.47 13.51
C LEU B 171 10.92 4.37 12.55
N TYR B 172 9.96 5.28 12.73
CA TYR B 172 8.84 5.41 11.82
C TYR B 172 8.88 6.76 11.13
N ILE B 173 8.92 6.74 9.80
CA ILE B 173 8.87 7.96 8.99
C ILE B 173 7.60 7.95 8.15
N ASP B 174 6.95 9.11 8.06
CA ASP B 174 5.63 9.21 7.45
C ASP B 174 5.55 10.42 6.48
N ILE B 175 5.52 10.15 5.18
CA ILE B 175 5.50 11.19 4.13
C ILE B 175 4.09 11.64 3.72
N ASP B 176 3.09 10.81 4.05
CA ASP B 176 1.68 11.11 3.80
C ASP B 176 1.37 12.57 4.16
N ILE B 177 0.57 13.24 3.35
CA ILE B 177 0.23 14.64 3.60
C ILE B 177 -0.51 14.85 4.94
N HIS B 178 -1.26 13.84 5.38
CA HIS B 178 -1.98 13.92 6.65
C HIS B 178 -1.10 13.41 7.78
N HIS B 179 -1.20 14.06 8.95
CA HIS B 179 -0.39 13.71 10.11
C HIS B 179 -0.63 12.27 10.58
N GLY B 180 0.46 11.52 10.73
CA GLY B 180 0.39 10.11 11.16
C GLY B 180 0.08 9.95 12.64
N ASP B 181 -1.12 10.37 13.03
CA ASP B 181 -1.51 10.41 14.44
C ASP B 181 -1.72 9.03 15.07
N GLY B 182 -2.27 8.10 14.30
CA GLY B 182 -2.48 6.74 14.78
C GLY B 182 -1.20 6.11 15.29
N VAL B 183 -0.17 6.12 14.45
CA VAL B 183 1.13 5.53 14.80
C VAL B 183 1.80 6.33 15.91
N GLU B 184 1.53 7.64 15.94
CA GLU B 184 2.04 8.50 16.99
C GLU B 184 1.37 8.18 18.34
N GLU B 185 0.04 8.27 18.37
CA GLU B 185 -0.75 8.02 19.58
C GLU B 185 -0.48 6.64 20.17
N ALA B 186 -0.35 5.64 19.30
CA ALA B 186 -0.12 4.27 19.73
C ALA B 186 1.21 4.11 20.44
N PHE B 187 2.17 4.98 20.12
CA PHE B 187 3.50 4.90 20.71
C PHE B 187 3.88 6.18 21.47
N TYR B 188 2.88 6.93 21.90
CA TYR B 188 3.07 8.26 22.48
C TYR B 188 3.91 8.27 23.77
N THR B 189 3.90 7.16 24.50
CA THR B 189 4.59 7.08 25.80
C THR B 189 5.77 6.10 25.82
N THR B 190 6.34 5.82 24.66
CA THR B 190 7.52 4.94 24.60
C THR B 190 8.71 5.59 23.91
N ASP B 191 9.90 5.19 24.36
CA ASP B 191 11.16 5.71 23.83
C ASP B 191 11.80 4.71 22.84
N ARG B 192 11.16 3.56 22.67
CA ARG B 192 11.66 2.51 21.78
C ARG B 192 11.28 2.74 20.32
N VAL B 193 10.30 3.61 20.09
CA VAL B 193 9.81 3.92 18.75
C VAL B 193 9.71 5.43 18.57
N MET B 194 10.44 5.97 17.59
CA MET B 194 10.34 7.38 17.26
C MET B 194 9.48 7.59 16.02
N THR B 195 8.52 8.50 16.11
CA THR B 195 7.64 8.81 14.98
C THR B 195 7.91 10.21 14.43
N VAL B 196 8.36 10.25 13.18
CA VAL B 196 8.66 11.51 12.50
C VAL B 196 7.64 11.74 11.39
N SER B 197 7.05 12.93 11.36
CA SER B 197 5.97 13.24 10.43
C SER B 197 6.10 14.60 9.74
N PHE B 198 5.78 14.63 8.45
CA PHE B 198 5.82 15.85 7.64
C PHE B 198 4.47 15.99 6.95
N HIS B 199 3.72 17.03 7.32
CA HIS B 199 2.33 17.15 6.88
C HIS B 199 1.83 18.58 6.72
N LYS B 200 0.69 18.73 6.05
CA LYS B 200 -0.01 20.00 6.01
C LYS B 200 -0.69 20.23 7.35
N TYR B 201 -0.57 21.46 7.86
CA TYR B 201 -1.19 21.85 9.11
C TYR B 201 -1.94 23.16 8.95
N GLY B 202 -3.12 23.25 9.56
CA GLY B 202 -3.95 24.46 9.52
C GLY B 202 -5.19 24.30 8.68
N GLU B 203 -6.33 24.08 9.33
CA GLU B 203 -7.60 23.72 8.67
C GLU B 203 -7.45 22.46 7.81
N TYR B 204 -6.93 21.41 8.45
CA TYR B 204 -6.66 20.16 7.76
C TYR B 204 -6.81 18.98 8.72
N PHE B 205 -6.74 17.77 8.19
CA PHE B 205 -7.02 16.57 8.95
C PHE B 205 -5.74 15.57 9.13
N PRO B 206 -5.42 15.84 10.68
CA PRO B 206 -6.52 15.27 11.52
C PRO B 206 -6.60 16.28 12.67
N GLY B 207 -5.92 17.41 12.46
CA GLY B 207 -5.94 18.53 13.43
C GLY B 207 -4.83 18.44 14.46
N THR B 208 -3.96 17.43 14.33
CA THR B 208 -2.86 17.25 15.28
C THR B 208 -1.50 17.36 14.59
N GLY B 209 -0.43 17.24 15.38
CA GLY B 209 0.94 17.20 14.86
C GLY B 209 1.59 18.54 14.63
N ASP B 210 1.27 19.52 15.47
CA ASP B 210 1.89 20.85 15.38
C ASP B 210 3.34 20.82 15.90
N LEU B 211 4.00 21.97 15.85
CA LEU B 211 5.37 22.11 16.34
C LEU B 211 5.52 21.58 17.77
N ARG B 212 4.55 21.91 18.63
CA ARG B 212 4.64 21.60 20.05
C ARG B 212 4.23 20.17 20.41
N ASP B 213 3.92 19.37 19.39
CA ASP B 213 3.61 17.95 19.57
C ASP B 213 4.94 17.19 19.69
N ILE B 214 5.31 16.84 20.93
CA ILE B 214 6.64 16.28 21.21
C ILE B 214 6.59 14.89 21.85
N GLY B 215 5.43 14.55 22.42
CA GLY B 215 5.27 13.30 23.14
C GLY B 215 4.99 13.52 24.63
N ALA B 216 5.00 12.43 25.40
CA ALA B 216 4.71 12.48 26.82
C ALA B 216 5.38 11.32 27.55
N GLY B 217 5.72 11.53 28.82
CA GLY B 217 6.35 10.50 29.65
C GLY B 217 7.69 10.08 29.08
N LYS B 218 7.91 8.77 29.00
CA LYS B 218 9.10 8.21 28.37
C LYS B 218 9.19 8.58 26.89
N GLY B 219 8.03 8.89 26.31
CA GLY B 219 7.93 9.22 24.89
C GLY B 219 8.12 10.69 24.55
N LYS B 220 8.43 11.51 25.56
CA LYS B 220 8.69 12.93 25.32
C LYS B 220 10.04 13.13 24.63
N TYR B 221 10.03 13.97 23.60
CA TYR B 221 11.18 14.20 22.69
C TYR B 221 11.38 13.08 21.68
N TYR B 222 10.37 12.21 21.56
CA TYR B 222 10.44 11.06 20.67
C TYR B 222 9.32 11.04 19.62
N ALA B 223 8.63 12.16 19.46
CA ALA B 223 7.61 12.31 18.44
C ALA B 223 7.83 13.59 17.64
N VAL B 224 8.67 13.49 16.61
CA VAL B 224 9.01 14.62 15.76
C VAL B 224 7.84 14.99 14.84
N ASN B 225 7.63 16.29 14.62
CA ASN B 225 6.58 16.77 13.75
C ASN B 225 6.98 18.01 12.98
N TYR B 226 6.72 18.00 11.68
CA TYR B 226 7.05 19.13 10.81
C TYR B 226 5.80 19.67 10.14
N PRO B 227 5.10 20.62 10.80
CA PRO B 227 3.89 21.23 10.22
C PRO B 227 4.23 22.07 8.99
N LEU B 228 3.38 21.98 7.96
CA LEU B 228 3.63 22.66 6.69
C LEU B 228 2.39 23.36 6.11
N ARG B 229 2.62 24.39 5.32
CA ARG B 229 1.57 25.06 4.58
C ARG B 229 1.49 24.54 3.15
N ASP B 230 0.64 25.16 2.33
CA ASP B 230 0.40 24.73 0.96
C ASP B 230 1.62 24.82 0.02
N GLY B 231 1.54 24.06 -1.07
CA GLY B 231 2.39 24.26 -2.24
C GLY B 231 3.88 23.96 -2.15
N ILE B 232 4.27 23.14 -1.19
CA ILE B 232 5.68 22.81 -0.98
C ILE B 232 6.31 22.14 -2.22
N ASP B 233 7.53 22.58 -2.55
CA ASP B 233 8.29 22.06 -3.69
C ASP B 233 9.01 20.78 -3.32
N ASP B 234 9.52 20.09 -4.34
CA ASP B 234 10.51 19.04 -4.15
C ASP B 234 11.75 19.65 -3.50
N GLU B 235 12.15 20.82 -3.99
CA GLU B 235 13.35 21.51 -3.51
C GLU B 235 13.24 21.95 -2.06
N SER B 236 12.09 22.52 -1.70
CA SER B 236 11.83 22.89 -0.30
C SER B 236 11.84 21.65 0.58
N TYR B 237 11.08 20.63 0.16
CA TYR B 237 10.92 19.38 0.90
C TYR B 237 12.24 18.66 1.14
N GLU B 238 13.04 18.52 0.09
CA GLU B 238 14.33 17.86 0.20
C GLU B 238 15.23 18.58 1.21
N ALA B 239 15.33 19.90 1.06
CA ALA B 239 16.19 20.72 1.91
C ALA B 239 15.74 20.77 3.37
N ILE B 240 14.57 20.21 3.68
CA ILE B 240 14.13 20.06 5.06
C ILE B 240 14.04 18.60 5.53
N PHE B 241 13.95 17.67 4.56
CA PHE B 241 13.81 16.26 4.89
C PHE B 241 15.14 15.59 5.23
N LYS B 242 16.15 15.84 4.39
CA LYS B 242 17.48 15.26 4.60
C LYS B 242 18.17 15.75 5.91
N PRO B 243 18.20 17.08 6.15
CA PRO B 243 18.84 17.55 7.38
C PRO B 243 18.22 16.96 8.63
N VAL B 244 16.88 16.94 8.68
CA VAL B 244 16.15 16.41 9.83
C VAL B 244 16.40 14.92 10.03
N MET B 245 16.24 14.12 8.96
CA MET B 245 16.41 12.67 9.08
C MET B 245 17.84 12.25 9.42
N SER B 246 18.82 12.98 8.89
CA SER B 246 20.22 12.75 9.25
C SER B 246 20.42 12.88 10.74
N LYS B 247 19.85 13.94 11.31
CA LYS B 247 19.89 14.18 12.75
C LYS B 247 19.13 13.10 13.52
N VAL B 248 18.02 12.64 12.96
CA VAL B 248 17.22 11.59 13.59
C VAL B 248 18.05 10.32 13.68
N MET B 249 18.65 9.91 12.56
CA MET B 249 19.49 8.71 12.53
C MET B 249 20.66 8.87 13.48
N GLU B 250 21.26 10.06 13.50
CA GLU B 250 22.39 10.37 14.36
C GLU B 250 22.02 10.22 15.84
N MET B 251 20.85 10.72 16.22
CA MET B 251 20.43 10.70 17.62
C MET B 251 19.70 9.43 18.05
N PHE B 252 18.62 9.10 17.35
CA PHE B 252 17.77 7.98 17.70
C PHE B 252 18.39 6.61 17.39
N GLN B 253 19.37 6.58 16.48
CA GLN B 253 20.19 5.39 16.19
C GLN B 253 19.38 4.09 15.99
N PRO B 254 18.41 4.10 15.05
CA PRO B 254 17.51 2.95 14.95
C PRO B 254 18.14 1.75 14.26
N SER B 255 17.53 0.58 14.43
CA SER B 255 18.02 -0.64 13.80
C SER B 255 17.03 -1.23 12.80
N ALA B 256 15.88 -0.57 12.65
CA ALA B 256 14.87 -0.90 11.64
C ALA B 256 14.03 0.33 11.33
N VAL B 257 13.81 0.58 10.04
CA VAL B 257 12.99 1.72 9.61
C VAL B 257 11.66 1.24 9.02
N VAL B 258 10.61 2.02 9.25
CA VAL B 258 9.32 1.77 8.62
C VAL B 258 8.85 3.05 7.95
N LEU B 259 8.95 3.07 6.63
CA LEU B 259 8.60 4.25 5.87
C LEU B 259 7.20 4.13 5.28
N GLN B 260 6.31 5.04 5.69
CA GLN B 260 4.99 5.14 5.10
C GLN B 260 5.10 6.12 3.93
N CYS B 261 4.82 5.65 2.72
CA CYS B 261 4.97 6.46 1.52
C CYS B 261 3.62 6.93 0.99
N GLY B 262 2.89 7.66 1.84
CA GLY B 262 1.58 8.21 1.48
C GLY B 262 1.68 9.06 0.24
N SER B 263 0.91 8.69 -0.78
CA SER B 263 1.02 9.29 -2.10
C SER B 263 0.17 10.56 -2.31
N ASP B 264 -0.54 11.00 -1.27
CA ASP B 264 -1.41 12.19 -1.34
C ASP B 264 -0.67 13.51 -1.13
N SER B 265 0.62 13.42 -0.80
CA SER B 265 1.50 14.58 -0.76
C SER B 265 1.97 14.97 -2.18
N LEU B 266 1.53 14.23 -3.19
CA LEU B 266 1.86 14.51 -4.58
C LEU B 266 1.08 15.68 -5.15
N SER B 267 1.69 16.33 -6.14
CA SER B 267 1.06 17.44 -6.86
C SER B 267 -0.19 16.97 -7.58
N GLY B 268 -1.19 17.84 -7.61
CA GLY B 268 -2.46 17.56 -8.29
C GLY B 268 -3.31 16.49 -7.62
N ASP B 269 -3.11 16.27 -6.33
CA ASP B 269 -3.89 15.29 -5.59
C ASP B 269 -5.32 15.80 -5.38
N ARG B 270 -6.27 14.87 -5.37
CA ARG B 270 -7.68 15.20 -5.17
C ARG B 270 -7.92 15.78 -3.78
N LEU B 271 -7.32 15.14 -2.78
CA LEU B 271 -7.47 15.55 -1.38
C LEU B 271 -6.30 16.37 -0.86
N GLY B 272 -5.10 16.11 -1.40
CA GLY B 272 -3.89 16.81 -0.98
C GLY B 272 -3.71 18.15 -1.65
N CYS B 273 -2.80 18.97 -1.10
CA CYS B 273 -2.55 20.31 -1.62
C CYS B 273 -1.06 20.69 -1.54
N PHE B 274 -0.20 19.69 -1.74
CA PHE B 274 1.23 19.88 -1.87
C PHE B 274 1.58 19.91 -3.35
N ASN B 275 2.83 20.23 -3.67
CA ASN B 275 3.26 20.30 -5.06
C ASN B 275 4.53 19.47 -5.28
N LEU B 276 4.43 18.19 -4.92
CA LEU B 276 5.56 17.26 -5.06
C LEU B 276 5.43 16.39 -6.30
N THR B 277 6.55 16.14 -6.95
CA THR B 277 6.59 15.21 -8.07
C THR B 277 7.02 13.85 -7.55
N ILE B 278 6.74 12.80 -8.34
CA ILE B 278 7.19 11.44 -8.05
C ILE B 278 8.69 11.42 -7.72
N LYS B 279 9.47 12.22 -8.43
CA LYS B 279 10.92 12.23 -8.28
C LYS B 279 11.35 12.74 -6.90
N GLY B 280 10.77 13.87 -6.48
CA GLY B 280 11.04 14.43 -5.17
C GLY B 280 10.53 13.54 -4.04
N HIS B 281 9.35 12.96 -4.27
CA HIS B 281 8.73 12.04 -3.32
C HIS B 281 9.58 10.79 -3.13
N ALA B 282 10.20 10.32 -4.21
CA ALA B 282 11.03 9.13 -4.17
C ALA B 282 12.39 9.41 -3.55
N LYS B 283 12.87 10.65 -3.68
CA LYS B 283 14.15 11.05 -3.11
C LYS B 283 14.21 10.73 -1.61
N CYS B 284 13.05 10.76 -0.96
CA CYS B 284 12.93 10.38 0.44
C CYS B 284 13.18 8.89 0.63
N VAL B 285 12.48 8.08 -0.18
CA VAL B 285 12.68 6.63 -0.16
C VAL B 285 14.15 6.30 -0.39
N GLU B 286 14.75 6.90 -1.41
CA GLU B 286 16.15 6.71 -1.75
C GLU B 286 17.08 7.10 -0.60
N PHE B 287 16.84 8.27 -0.01
CA PHE B 287 17.63 8.75 1.13
C PHE B 287 17.55 7.84 2.34
N VAL B 288 16.33 7.38 2.66
CA VAL B 288 16.10 6.42 3.75
C VAL B 288 16.80 5.09 3.44
N LYS B 289 16.71 4.65 2.20
CA LYS B 289 17.34 3.42 1.73
C LYS B 289 18.84 3.46 1.95
N SER B 290 19.43 4.65 1.84
CA SER B 290 20.89 4.83 1.91
C SER B 290 21.48 4.52 3.28
N PHE B 291 20.65 4.56 4.33
CA PHE B 291 21.10 4.25 5.69
C PHE B 291 21.23 2.76 5.97
N ASN B 292 20.96 1.94 4.95
CA ASN B 292 21.14 0.49 5.00
C ASN B 292 20.59 -0.18 6.25
N LEU B 293 19.33 0.13 6.55
CA LEU B 293 18.65 -0.47 7.69
C LEU B 293 17.48 -1.31 7.20
N PRO B 294 17.21 -2.44 7.87
CA PRO B 294 16.03 -3.24 7.54
C PRO B 294 14.80 -2.35 7.36
N MET B 295 14.34 -2.23 6.12
CA MET B 295 13.36 -1.21 5.75
C MET B 295 12.01 -1.80 5.40
N LEU B 296 10.95 -1.12 5.81
CA LEU B 296 9.60 -1.56 5.52
C LEU B 296 8.81 -0.43 4.86
N MET B 297 8.61 -0.57 3.55
CA MET B 297 7.90 0.43 2.77
C MET B 297 6.42 0.10 2.68
N LEU B 298 5.61 1.03 3.16
CA LEU B 298 4.16 0.87 3.13
C LEU B 298 3.51 1.99 2.33
N GLY B 299 2.26 1.79 1.95
CA GLY B 299 1.52 2.77 1.19
C GLY B 299 0.91 3.82 2.09
N GLY B 300 -0.38 4.05 1.91
CA GLY B 300 -1.12 5.07 2.65
C GLY B 300 -2.09 5.78 1.73
N GLY B 301 -2.33 7.06 2.02
CA GLY B 301 -3.22 7.87 1.19
C GLY B 301 -2.73 8.04 -0.23
N GLY B 302 -3.52 8.75 -1.02
CA GLY B 302 -3.26 8.97 -2.44
C GLY B 302 -4.56 8.85 -3.17
N TYR B 303 -5.00 9.93 -3.83
CA TYR B 303 -6.37 10.01 -4.32
C TYR B 303 -6.55 10.51 -5.76
N THR B 304 -5.46 10.83 -6.44
CA THR B 304 -5.44 10.88 -7.90
C THR B 304 -4.72 9.62 -8.37
N ILE B 305 -5.49 8.54 -8.53
CA ILE B 305 -4.94 7.18 -8.60
C ILE B 305 -3.96 6.91 -9.75
N ARG B 306 -4.13 7.60 -10.88
CA ARG B 306 -3.15 7.58 -11.96
C ARG B 306 -1.74 7.82 -11.41
N ASN B 307 -1.62 8.86 -10.58
CA ASN B 307 -0.35 9.25 -10.00
C ASN B 307 0.10 8.33 -8.87
N VAL B 308 -0.86 7.84 -8.11
CA VAL B 308 -0.60 6.88 -7.04
C VAL B 308 0.10 5.64 -7.62
N ALA B 309 -0.45 5.17 -8.73
CA ALA B 309 0.11 4.03 -9.47
C ALA B 309 1.49 4.38 -9.98
N ARG B 310 1.64 5.57 -10.55
CA ARG B 310 2.93 6.06 -11.02
C ARG B 310 3.94 6.11 -9.86
N CYS B 311 3.53 6.70 -8.75
CA CYS B 311 4.40 6.92 -7.60
C CYS B 311 5.00 5.63 -7.05
N TRP B 312 4.13 4.69 -6.68
CA TRP B 312 4.59 3.46 -6.04
C TRP B 312 5.30 2.52 -7.01
N THR B 313 4.93 2.60 -8.29
CA THR B 313 5.67 1.89 -9.32
C THR B 313 7.12 2.35 -9.28
N TYR B 314 7.31 3.67 -9.40
CA TYR B 314 8.65 4.26 -9.40
C TYR B 314 9.41 3.96 -8.12
N GLU B 315 8.76 4.12 -6.97
CA GLU B 315 9.42 3.95 -5.67
C GLU B 315 9.86 2.51 -5.39
N THR B 316 9.26 1.56 -6.11
CA THR B 316 9.69 0.17 -6.05
C THR B 316 10.98 -0.02 -6.84
N ALA B 317 11.07 0.67 -7.98
CA ALA B 317 12.30 0.71 -8.77
C ALA B 317 13.46 1.26 -7.95
N VAL B 318 13.13 2.21 -7.07
CA VAL B 318 14.10 2.82 -6.15
C VAL B 318 14.66 1.80 -5.17
N ALA B 319 13.78 0.92 -4.66
CA ALA B 319 14.17 -0.14 -3.74
C ALA B 319 15.08 -1.19 -4.40
N LEU B 320 14.86 -1.40 -5.70
CA LEU B 320 15.66 -2.33 -6.49
C LEU B 320 16.84 -1.60 -7.16
N ASP B 321 16.90 -0.28 -6.93
CA ASP B 321 17.79 0.64 -7.66
C ASP B 321 18.05 0.30 -9.14
N THR B 322 16.97 -0.02 -9.86
CA THR B 322 17.05 -0.18 -11.31
C THR B 322 16.39 1.02 -12.00
N GLU B 323 16.76 1.23 -13.25
CA GLU B 323 16.29 2.37 -14.03
C GLU B 323 15.07 1.96 -14.85
N ILE B 324 14.00 2.75 -14.77
CA ILE B 324 12.85 2.52 -15.65
C ILE B 324 12.58 3.74 -16.54
N PRO B 325 12.20 3.50 -17.80
CA PRO B 325 11.95 4.61 -18.75
C PRO B 325 10.66 5.33 -18.44
N ASN B 326 10.55 6.58 -18.87
CA ASN B 326 9.35 7.38 -18.64
C ASN B 326 8.14 6.86 -19.44
N GLU B 327 8.43 6.10 -20.50
CA GLU B 327 7.41 5.46 -21.33
C GLU B 327 6.74 4.36 -20.52
N LEU B 328 5.43 4.51 -20.30
CA LEU B 328 4.69 3.48 -19.58
C LEU B 328 4.54 2.24 -20.44
N PRO B 329 4.80 1.05 -19.85
CA PRO B 329 4.62 -0.16 -20.62
C PRO B 329 3.13 -0.42 -20.81
N TYR B 330 2.76 -1.09 -21.89
CA TYR B 330 1.37 -1.41 -22.11
C TYR B 330 0.86 -2.33 -21.01
N ASN B 331 -0.34 -2.05 -20.51
CA ASN B 331 -0.97 -2.87 -19.48
C ASN B 331 -2.48 -2.77 -19.57
N ASP B 332 -3.19 -3.53 -18.74
CA ASP B 332 -4.65 -3.57 -18.78
C ASP B 332 -5.31 -2.21 -18.56
N TYR B 333 -4.59 -1.30 -17.91
CA TYR B 333 -5.14 0.02 -17.60
C TYR B 333 -4.37 1.16 -18.29
N PHE B 334 -3.51 0.80 -19.23
CA PHE B 334 -2.73 1.75 -20.04
C PHE B 334 -3.52 3.00 -20.44
N GLU B 335 -4.79 2.82 -20.78
CA GLU B 335 -5.63 3.90 -21.30
C GLU B 335 -6.02 4.92 -20.23
N TYR B 336 -5.80 4.56 -18.97
CA TYR B 336 -6.03 5.46 -17.84
C TYR B 336 -5.12 6.68 -17.91
N PHE B 337 -3.92 6.48 -18.46
CA PHE B 337 -2.84 7.43 -18.31
C PHE B 337 -2.78 8.51 -19.39
N GLY B 338 -3.84 9.32 -19.40
CA GLY B 338 -3.94 10.55 -20.20
C GLY B 338 -3.66 10.40 -21.68
N PRO B 339 -3.35 11.54 -22.35
CA PRO B 339 -2.88 11.49 -23.74
C PRO B 339 -1.39 11.15 -23.83
N ASP B 340 -0.68 11.33 -22.71
CA ASP B 340 0.78 11.26 -22.66
C ASP B 340 1.34 9.84 -22.46
N PHE B 341 0.75 9.08 -21.54
CA PHE B 341 1.20 7.74 -21.14
C PHE B 341 2.63 7.76 -20.59
N LYS B 342 2.90 8.72 -19.71
CA LYS B 342 4.23 8.83 -19.08
C LYS B 342 4.19 8.51 -17.59
N LEU B 343 5.34 8.14 -17.05
CA LEU B 343 5.47 7.80 -15.63
C LEU B 343 5.52 9.05 -14.75
N HIS B 344 6.27 10.06 -15.19
CA HIS B 344 6.53 11.23 -14.37
C HIS B 344 5.52 12.36 -14.51
N ILE B 345 5.25 13.01 -13.39
CA ILE B 345 4.47 14.23 -13.35
C ILE B 345 5.43 15.39 -13.08
N SER B 346 5.07 16.60 -13.54
CA SER B 346 5.84 17.80 -13.27
C SER B 346 5.04 18.68 -12.32
N PRO B 347 5.71 19.63 -11.63
CA PRO B 347 4.97 20.42 -10.64
C PRO B 347 4.04 21.45 -11.28
N SER B 348 3.07 21.94 -10.51
CA SER B 348 2.09 22.90 -11.01
C SER B 348 2.51 24.35 -10.76
N ASN B 349 1.75 25.29 -11.33
CA ASN B 349 1.96 26.72 -11.12
C ASN B 349 1.66 27.16 -9.69
N MET B 350 1.19 26.23 -8.88
CA MET B 350 0.82 26.45 -7.48
C MET B 350 1.92 27.18 -6.70
N THR B 351 1.49 28.18 -5.92
CA THR B 351 2.39 29.00 -5.12
C THR B 351 2.82 28.31 -3.81
N ASN B 352 4.12 28.31 -3.55
CA ASN B 352 4.68 27.74 -2.33
C ASN B 352 4.61 28.73 -1.17
N GLN B 353 3.73 28.45 -0.22
CA GLN B 353 3.50 29.34 0.91
C GLN B 353 4.43 29.04 2.09
N ASN B 354 5.37 28.14 1.87
CA ASN B 354 6.39 27.79 2.87
C ASN B 354 7.68 28.58 2.65
N THR B 355 7.68 29.83 3.12
CA THR B 355 8.85 30.71 3.00
C THR B 355 10.04 30.17 3.76
N ASN B 356 11.24 30.42 3.23
CA ASN B 356 12.49 29.95 3.85
C ASN B 356 12.61 30.29 5.33
N GLU B 357 12.08 31.45 5.72
CA GLU B 357 12.10 31.90 7.11
C GLU B 357 11.23 31.01 7.99
N TYR B 358 10.09 30.55 7.44
CA TYR B 358 9.16 29.70 8.18
C TYR B 358 9.73 28.30 8.39
N LEU B 359 10.31 27.72 7.34
CA LEU B 359 10.87 26.38 7.40
C LEU B 359 12.06 26.29 8.36
N GLU B 360 12.95 27.28 8.29
CA GLU B 360 14.10 27.34 9.18
C GLU B 360 13.71 27.57 10.64
N LYS B 361 12.67 28.37 10.87
CA LYS B 361 12.16 28.59 12.23
C LYS B 361 11.80 27.26 12.87
N ILE B 362 11.03 26.44 12.15
CA ILE B 362 10.63 25.12 12.64
C ILE B 362 11.81 24.16 12.74
N LYS B 363 12.61 24.08 11.68
CA LYS B 363 13.78 23.20 11.62
C LYS B 363 14.66 23.32 12.86
N GLN B 364 14.90 24.56 13.30
CA GLN B 364 15.76 24.82 14.45
C GLN B 364 15.13 24.36 15.77
N ARG B 365 13.81 24.46 15.88
CA ARG B 365 13.10 23.98 17.07
C ARG B 365 13.16 22.46 17.17
N LEU B 366 13.18 21.80 16.02
CA LEU B 366 13.24 20.34 15.96
C LEU B 366 14.64 19.80 16.24
N PHE B 367 15.65 20.50 15.72
CA PHE B 367 17.04 20.17 16.02
C PHE B 367 17.33 20.23 17.52
N GLU B 368 16.73 21.21 18.20
CA GLU B 368 16.82 21.34 19.64
C GLU B 368 16.18 20.16 20.36
N ASN B 369 14.95 19.83 19.98
CA ASN B 369 14.22 18.70 20.55
C ASN B 369 14.96 17.37 20.40
N LEU B 370 15.68 17.23 19.29
CA LEU B 370 16.45 16.02 19.01
C LEU B 370 17.74 15.99 19.82
N ARG B 371 18.27 17.16 20.14
CA ARG B 371 19.47 17.27 20.99
C ARG B 371 19.22 16.80 22.43
N MET B 372 17.94 16.75 22.81
CA MET B 372 17.52 16.34 24.16
C MET B 372 17.70 14.84 24.42
N LEU B 373 17.95 14.07 23.37
CA LEU B 373 18.22 12.64 23.49
C LEU B 373 19.64 12.36 23.96
N PRO B 374 19.87 11.20 24.61
CA PRO B 374 21.22 10.79 25.01
C PRO B 374 22.15 10.46 23.84
N HIS B 375 23.42 10.82 23.97
CA HIS B 375 24.45 10.56 22.96
C HIS B 375 25.84 10.61 23.59
N ALA B 376 26.88 10.68 22.76
CA ALA B 376 28.27 10.76 23.24
C ALA B 376 29.14 11.64 22.35
#